data_5H7G
#
_entry.id   5H7G
#
_cell.length_a   103.797
_cell.length_b   37.516
_cell.length_c   82.594
_cell.angle_alpha   90.00
_cell.angle_beta   112.94
_cell.angle_gamma   90.00
#
_symmetry.space_group_name_H-M   'C 1 2 1'
#
loop_
_entity.id
_entity.type
_entity.pdbx_description
1 polymer 'B-cell lymphoma 6 protein'
2 polymer 'F1324 peptide'
3 non-polymer 'SULFATE ION'
4 water water
#
loop_
_entity_poly.entity_id
_entity_poly.type
_entity_poly.pdbx_seq_one_letter_code
_entity_poly.pdbx_strand_id
1 'polypeptide(L)'
;LDYKDDDDKENLYFQGADSCIQFTRHASDVLLNLNRLRSRDILTDVVIVVSREQFRAHKTVLMACSGLFYSIFTDQLKCN
LSVINLDPEINPEGFCILLDFMYTSRLNLREGNIMAVMATAMYLQMEHVVDTCRKFIKASE
;
A,B
2 'polypeptide(L)' LWYTDIRMSWRVP C,D
#
loop_
_chem_comp.id
_chem_comp.type
_chem_comp.name
_chem_comp.formula
SO4 non-polymer 'SULFATE ION' 'O4 S -2'
#
# COMPACT_ATOMS: atom_id res chain seq x y z
N SER A 19 12.98 -21.39 3.01
CA SER A 19 13.27 -20.98 4.43
C SER A 19 12.65 -19.62 4.81
N CYS A 20 12.22 -18.84 3.83
CA CYS A 20 11.42 -17.66 4.12
C CYS A 20 9.98 -18.13 4.41
N ILE A 21 9.29 -17.38 5.27
CA ILE A 21 7.83 -17.48 5.39
C ILE A 21 7.21 -16.31 4.63
N GLN A 22 6.27 -16.62 3.72
CA GLN A 22 5.53 -15.60 3.01
C GLN A 22 4.07 -15.57 3.45
N PHE A 23 3.61 -14.37 3.76
CA PHE A 23 2.26 -14.18 4.29
C PHE A 23 1.35 -13.84 3.11
N THR A 24 0.50 -14.78 2.72
CA THR A 24 -0.31 -14.63 1.53
C THR A 24 -1.47 -13.60 1.64
N ARG A 25 -1.89 -13.25 2.85
CA ARG A 25 -2.94 -12.24 3.04
C ARG A 25 -2.34 -10.86 3.34
N HIS A 26 -1.02 -10.75 3.39
CA HIS A 26 -0.40 -9.51 3.88
C HIS A 26 -0.68 -8.30 3.00
N ALA A 27 -0.44 -8.46 1.70
CA ALA A 27 -0.72 -7.34 0.75
C ALA A 27 -2.15 -6.86 0.78
N SER A 28 -3.12 -7.78 0.82
CA SER A 28 -4.52 -7.36 0.90
C SER A 28 -4.95 -6.73 2.25
N ASP A 29 -4.36 -7.21 3.36
CA ASP A 29 -4.53 -6.60 4.68
C ASP A 29 -3.91 -5.19 4.77
N VAL A 30 -2.74 -4.99 4.17
CA VAL A 30 -2.15 -3.65 4.06
C VAL A 30 -3.11 -2.72 3.29
N LEU A 31 -3.60 -3.22 2.16
CA LEU A 31 -4.48 -2.47 1.29
C LEU A 31 -5.80 -2.14 2.00
N LEU A 32 -6.41 -3.11 2.68
CA LEU A 32 -7.57 -2.81 3.53
C LEU A 32 -7.26 -1.63 4.49
N ASN A 33 -6.12 -1.68 5.19
CA ASN A 33 -5.79 -0.64 6.16
C ASN A 33 -5.51 0.70 5.49
N LEU A 34 -4.92 0.70 4.29
CA LEU A 34 -4.72 1.95 3.55
C LEU A 34 -6.04 2.64 3.18
N ASN A 35 -7.04 1.83 2.81
CA ASN A 35 -8.37 2.31 2.50
C ASN A 35 -9.11 2.82 3.75
N ARG A 36 -8.87 2.18 4.90
CA ARG A 36 -9.43 2.69 6.15
C ARG A 36 -8.79 4.04 6.48
N LEU A 37 -7.50 4.18 6.19
CA LEU A 37 -6.80 5.46 6.37
C LEU A 37 -7.39 6.51 5.46
N ARG A 38 -7.68 6.13 4.20
CA ARG A 38 -8.31 7.04 3.25
C ARG A 38 -9.70 7.42 3.70
N SER A 39 -10.46 6.43 4.17
CA SER A 39 -11.78 6.65 4.70
C SER A 39 -11.83 7.59 5.91
N ARG A 40 -10.84 7.52 6.80
CA ARG A 40 -10.81 8.37 7.99
C ARG A 40 -10.05 9.67 7.75
N ASP A 41 -9.56 9.85 6.53
CA ASP A 41 -8.86 11.05 6.10
C ASP A 41 -7.53 11.24 6.84
N ILE A 42 -6.82 10.13 7.05
CA ILE A 42 -5.59 10.15 7.84
C ILE A 42 -4.39 10.04 6.91
N LEU A 43 -3.51 11.05 7.01
CA LEU A 43 -2.32 11.22 6.17
C LEU A 43 -2.57 11.28 4.65
N THR A 44 -3.81 11.56 4.24
CA THR A 44 -4.11 11.93 2.87
C THR A 44 -3.36 13.21 2.60
N ASP A 45 -2.58 13.23 1.52
CA ASP A 45 -1.67 14.34 1.19
C ASP A 45 -1.97 15.00 -0.15
N VAL A 46 -3.07 14.60 -0.80
CA VAL A 46 -3.45 15.18 -2.09
C VAL A 46 -4.98 15.14 -2.27
N VAL A 47 -5.51 16.19 -2.88
CA VAL A 47 -6.89 16.19 -3.40
C VAL A 47 -6.81 16.20 -4.92
N ILE A 48 -7.36 15.17 -5.54
CA ILE A 48 -7.44 15.09 -6.98
C ILE A 48 -8.72 15.80 -7.37
N VAL A 49 -8.61 16.73 -8.32
CA VAL A 49 -9.76 17.52 -8.76
C VAL A 49 -10.11 17.11 -10.17
N VAL A 50 -11.40 16.89 -10.42
CA VAL A 50 -11.89 16.63 -11.76
C VAL A 50 -12.93 17.69 -12.01
N SER A 51 -12.48 18.75 -12.68
CA SER A 51 -13.25 19.99 -12.86
C SER A 51 -13.59 20.60 -11.49
N ARG A 52 -14.75 20.27 -10.93
CA ARG A 52 -15.16 20.77 -9.61
C ARG A 52 -15.39 19.68 -8.55
N GLU A 53 -15.37 18.40 -8.96
CA GLU A 53 -15.40 17.27 -8.02
C GLU A 53 -14.04 17.03 -7.37
N GLN A 54 -14.06 16.56 -6.13
CA GLN A 54 -12.86 16.39 -5.31
C GLN A 54 -12.76 14.98 -4.76
N PHE A 55 -11.53 14.44 -4.75
CA PHE A 55 -11.22 13.11 -4.23
C PHE A 55 -9.91 13.13 -3.43
N ARG A 56 -9.98 12.84 -2.14
CA ARG A 56 -8.78 12.86 -1.29
C ARG A 56 -8.06 11.50 -1.42
N ALA A 57 -6.73 11.53 -1.57
CA ALA A 57 -5.95 10.28 -1.70
C ALA A 57 -4.56 10.37 -1.05
N HIS A 58 -3.84 9.27 -1.10
CA HIS A 58 -2.41 9.25 -0.75
C HIS A 58 -1.63 9.20 -2.04
N LYS A 59 -0.72 10.16 -2.26
CA LYS A 59 0.15 10.15 -3.45
C LYS A 59 0.82 8.78 -3.72
N THR A 60 1.34 8.13 -2.68
CA THR A 60 2.10 6.88 -2.89
C THR A 60 1.24 5.75 -3.43
N VAL A 61 -0.02 5.67 -3.00
CA VAL A 61 -0.96 4.65 -3.58
C VAL A 61 -1.21 4.94 -5.05
N LEU A 62 -1.46 6.22 -5.36
CA LEU A 62 -1.72 6.64 -6.73
C LEU A 62 -0.51 6.31 -7.61
N MET A 63 0.69 6.62 -7.13
CA MET A 63 1.94 6.36 -7.87
C MET A 63 2.25 4.85 -8.03
N ALA A 64 1.77 4.04 -7.10
CA ALA A 64 1.87 2.56 -7.15
C ALA A 64 0.89 1.92 -8.14
N CYS A 65 -0.12 2.68 -8.55
CA CYS A 65 -1.20 2.18 -9.38
C CYS A 65 -1.26 2.73 -10.80
N SER A 66 -0.68 3.92 -11.04
CA SER A 66 -0.88 4.59 -12.32
C SER A 66 0.40 5.26 -12.81
N GLY A 67 0.73 5.05 -14.09
CA GLY A 67 1.85 5.74 -14.73
C GLY A 67 1.66 7.27 -14.80
N LEU A 68 0.41 7.70 -15.03
CA LEU A 68 0.10 9.13 -15.03
C LEU A 68 0.44 9.77 -13.71
N PHE A 69 -0.08 9.22 -12.61
CA PHE A 69 0.19 9.79 -11.29
C PHE A 69 1.67 9.73 -10.89
N TYR A 70 2.34 8.65 -11.29
CA TYR A 70 3.80 8.58 -11.11
C TYR A 70 4.46 9.79 -11.78
N SER A 71 4.04 10.11 -13.01
CA SER A 71 4.70 11.18 -13.76
C SER A 71 4.42 12.51 -13.07
N ILE A 72 3.19 12.68 -12.58
CA ILE A 72 2.77 13.92 -11.92
C ILE A 72 3.56 14.15 -10.64
N PHE A 73 3.67 13.12 -9.82
CA PHE A 73 4.31 13.30 -8.51
C PHE A 73 5.82 13.18 -8.48
N THR A 74 6.44 12.84 -9.61
CA THR A 74 7.88 12.94 -9.81
C THR A 74 8.27 14.19 -10.63
N ASP A 75 7.29 14.99 -11.07
CA ASP A 75 7.56 16.21 -11.86
C ASP A 75 7.83 17.32 -10.85
N GLN A 76 8.94 18.00 -11.02
CA GLN A 76 9.42 18.98 -10.02
C GLN A 76 8.48 20.18 -9.84
N LEU A 77 7.75 20.54 -10.89
CA LEU A 77 6.71 21.55 -10.78
C LEU A 77 5.50 21.14 -9.97
N LYS A 78 5.19 19.85 -9.92
CA LYS A 78 3.97 19.39 -9.30
C LYS A 78 4.12 18.60 -8.01
N CYS A 79 5.33 18.12 -7.72
CA CYS A 79 5.53 17.19 -6.60
C CYS A 79 5.09 17.74 -5.24
N ASN A 80 5.19 19.06 -5.05
CA ASN A 80 4.85 19.71 -3.78
C ASN A 80 3.41 20.29 -3.73
N LEU A 81 2.60 20.04 -4.77
CA LEU A 81 1.22 20.50 -4.80
C LEU A 81 0.33 19.61 -3.95
N SER A 82 -0.54 20.26 -3.18
CA SER A 82 -1.57 19.57 -2.40
C SER A 82 -2.89 19.33 -3.18
N VAL A 83 -3.04 19.98 -4.34
CA VAL A 83 -4.22 19.88 -5.18
C VAL A 83 -3.74 19.64 -6.60
N ILE A 84 -4.22 18.57 -7.23
CA ILE A 84 -3.85 18.20 -8.61
C ILE A 84 -5.10 18.14 -9.47
N ASN A 85 -5.04 18.79 -10.63
CA ASN A 85 -6.10 18.73 -11.64
C ASN A 85 -5.80 17.60 -12.56
N LEU A 86 -6.82 16.80 -12.85
CA LEU A 86 -6.83 15.96 -14.02
C LEU A 86 -7.57 16.69 -15.15
N ASP A 87 -7.51 16.13 -16.34
CA ASP A 87 -8.28 16.65 -17.47
C ASP A 87 -9.70 16.88 -16.97
N PRO A 88 -10.19 18.13 -17.03
CA PRO A 88 -11.49 18.40 -16.42
C PRO A 88 -12.68 17.81 -17.21
N GLU A 89 -12.43 17.28 -18.41
CA GLU A 89 -13.49 16.65 -19.20
C GLU A 89 -13.63 15.15 -18.95
N ILE A 90 -12.77 14.56 -18.11
CA ILE A 90 -12.91 13.13 -17.78
C ILE A 90 -14.15 12.92 -16.91
N ASN A 91 -14.76 11.75 -17.05
CA ASN A 91 -16.02 11.48 -16.36
C ASN A 91 -15.65 11.31 -14.89
N PRO A 92 -16.26 12.08 -13.96
CA PRO A 92 -15.87 11.94 -12.54
C PRO A 92 -16.29 10.63 -11.87
N GLU A 93 -17.42 10.04 -12.28
CA GLU A 93 -17.84 8.69 -11.88
C GLU A 93 -16.78 7.66 -12.28
N GLY A 94 -16.28 7.77 -13.50
CA GLY A 94 -15.24 6.89 -14.03
C GLY A 94 -13.99 6.96 -13.18
N PHE A 95 -13.55 8.19 -12.87
CA PHE A 95 -12.42 8.33 -11.95
C PHE A 95 -12.70 7.75 -10.57
N CYS A 96 -13.89 8.00 -10.04
CA CYS A 96 -14.30 7.55 -8.69
C CYS A 96 -14.33 6.01 -8.58
N ILE A 97 -14.81 5.36 -9.62
CA ILE A 97 -14.79 3.89 -9.71
C ILE A 97 -13.34 3.42 -9.71
N LEU A 98 -12.48 4.09 -10.48
CA LEU A 98 -11.07 3.70 -10.53
C LEU A 98 -10.26 3.95 -9.25
N LEU A 99 -10.49 5.07 -8.58
CA LEU A 99 -9.83 5.32 -7.30
C LEU A 99 -10.22 4.26 -6.27
N ASP A 100 -11.51 3.95 -6.20
CA ASP A 100 -12.00 2.90 -5.30
C ASP A 100 -11.33 1.55 -5.65
N PHE A 101 -11.19 1.27 -6.94
CA PHE A 101 -10.43 0.10 -7.43
C PHE A 101 -8.98 0.08 -6.95
N MET A 102 -8.28 1.21 -7.05
CA MET A 102 -6.92 1.29 -6.57
C MET A 102 -6.83 0.87 -5.11
N TYR A 103 -7.79 1.30 -4.29
CA TYR A 103 -7.75 1.05 -2.85
C TYR A 103 -8.43 -0.24 -2.40
N THR A 104 -9.08 -0.96 -3.31
CA THR A 104 -9.90 -2.14 -2.91
C THR A 104 -9.64 -3.44 -3.67
N SER A 105 -9.08 -3.36 -4.88
CA SER A 105 -9.04 -4.48 -5.86
C SER A 105 -10.34 -4.74 -6.63
N ARG A 106 -11.43 -4.08 -6.26
CA ARG A 106 -12.76 -4.37 -6.78
C ARG A 106 -13.13 -3.34 -7.83
N LEU A 107 -13.44 -3.81 -9.04
CA LEU A 107 -13.83 -2.96 -10.16
C LEU A 107 -15.31 -3.20 -10.51
N ASN A 108 -16.15 -2.24 -10.17
CA ASN A 108 -17.59 -2.43 -10.32
C ASN A 108 -18.04 -1.95 -11.69
N LEU A 109 -18.25 -2.88 -12.62
CA LEU A 109 -18.54 -2.57 -14.02
C LEU A 109 -20.01 -2.82 -14.31
N ARG A 110 -20.69 -1.79 -14.81
CA ARG A 110 -22.05 -1.87 -15.34
C ARG A 110 -22.01 -1.46 -16.81
N GLU A 111 -23.06 -1.79 -17.55
CA GLU A 111 -23.18 -1.33 -18.94
C GLU A 111 -23.15 0.21 -19.00
N GLY A 112 -23.80 0.84 -18.02
CA GLY A 112 -23.86 2.29 -17.93
C GLY A 112 -22.53 3.01 -17.67
N ASN A 113 -21.55 2.34 -17.08
CA ASN A 113 -20.26 2.99 -16.76
C ASN A 113 -19.04 2.47 -17.54
N ILE A 114 -19.19 1.39 -18.31
CA ILE A 114 -18.03 0.72 -18.88
C ILE A 114 -17.18 1.61 -19.77
N MET A 115 -17.85 2.39 -20.60
CA MET A 115 -17.15 3.27 -21.52
C MET A 115 -16.42 4.37 -20.78
N ALA A 116 -17.06 4.91 -19.75
CA ALA A 116 -16.41 5.90 -18.88
C ALA A 116 -15.22 5.30 -18.09
N VAL A 117 -15.36 4.07 -17.59
CA VAL A 117 -14.25 3.42 -16.85
C VAL A 117 -13.07 3.14 -17.80
N MET A 118 -13.37 2.52 -18.93
CA MET A 118 -12.36 2.22 -19.95
C MET A 118 -11.56 3.44 -20.43
N ALA A 119 -12.26 4.52 -20.74
CA ALA A 119 -11.64 5.76 -21.23
C ALA A 119 -10.78 6.38 -20.14
N THR A 120 -11.29 6.36 -18.92
CA THR A 120 -10.54 6.86 -17.76
C THR A 120 -9.29 6.01 -17.46
N ALA A 121 -9.38 4.70 -17.64
CA ALA A 121 -8.23 3.82 -17.42
C ALA A 121 -7.13 4.04 -18.42
N MET A 122 -7.51 4.31 -19.68
CA MET A 122 -6.54 4.66 -20.71
C MET A 122 -5.79 5.92 -20.30
N TYR A 123 -6.55 6.90 -19.84
CA TYR A 123 -6.00 8.20 -19.44
C TYR A 123 -5.07 8.08 -18.20
N LEU A 124 -5.45 7.23 -17.25
CA LEU A 124 -4.59 6.93 -16.10
C LEU A 124 -3.42 5.98 -16.42
N GLN A 125 -3.34 5.44 -17.63
CA GLN A 125 -2.30 4.50 -18.04
C GLN A 125 -2.37 3.21 -17.22
N MET A 126 -3.54 2.62 -17.20
CA MET A 126 -3.77 1.37 -16.50
C MET A 126 -4.27 0.37 -17.55
N GLU A 127 -3.35 -0.05 -18.42
CA GLU A 127 -3.72 -0.87 -19.60
C GLU A 127 -4.39 -2.17 -19.20
N HIS A 128 -3.95 -2.78 -18.08
CA HIS A 128 -4.51 -4.06 -17.63
C HIS A 128 -5.97 -3.91 -17.24
N VAL A 129 -6.37 -2.72 -16.79
CA VAL A 129 -7.79 -2.46 -16.53
C VAL A 129 -8.55 -2.31 -17.85
N VAL A 130 -7.95 -1.63 -18.81
CA VAL A 130 -8.52 -1.48 -20.15
C VAL A 130 -8.67 -2.88 -20.79
N ASP A 131 -7.63 -3.71 -20.66
CA ASP A 131 -7.67 -5.11 -21.12
C ASP A 131 -8.87 -5.85 -20.53
N THR A 132 -9.13 -5.62 -19.24
CA THR A 132 -10.26 -6.26 -18.56
C THR A 132 -11.62 -5.74 -19.09
N CYS A 133 -11.76 -4.42 -19.25
CA CYS A 133 -12.97 -3.85 -19.84
C CYS A 133 -13.25 -4.43 -21.25
N ARG A 134 -12.19 -4.69 -22.01
CA ARG A 134 -12.32 -5.33 -23.30
C ARG A 134 -12.82 -6.78 -23.15
N LYS A 135 -12.34 -7.51 -22.14
CA LYS A 135 -12.88 -8.86 -21.86
C LYS A 135 -14.35 -8.80 -21.44
N PHE A 136 -14.69 -7.79 -20.64
CA PHE A 136 -16.08 -7.50 -20.28
C PHE A 136 -16.97 -7.22 -21.50
N ILE A 137 -16.46 -6.46 -22.46
CA ILE A 137 -17.16 -6.18 -23.72
C ILE A 137 -17.36 -7.49 -24.50
N LYS A 138 -16.36 -8.36 -24.44
CA LYS A 138 -16.37 -9.64 -25.16
C LYS A 138 -17.34 -10.66 -24.58
N ALA A 139 -17.62 -10.56 -23.28
CA ALA A 139 -18.60 -11.44 -22.60
C ALA A 139 -19.99 -10.81 -22.50
N SER A 140 -20.10 -9.52 -22.79
CA SER A 140 -21.40 -8.82 -22.75
C SER A 140 -21.74 -8.32 -24.16
N SER B 19 -22.07 -9.15 -9.39
CA SER B 19 -21.95 -7.94 -10.28
C SER B 19 -20.48 -7.54 -10.54
N CYS B 20 -19.65 -7.61 -9.50
CA CYS B 20 -18.38 -6.93 -9.45
C CYS B 20 -17.18 -7.84 -9.78
N ILE B 21 -16.09 -7.21 -10.23
CA ILE B 21 -14.87 -7.91 -10.61
C ILE B 21 -13.76 -7.62 -9.63
N GLN B 22 -13.17 -8.67 -9.05
CA GLN B 22 -12.06 -8.52 -8.12
C GLN B 22 -10.74 -9.04 -8.67
N PHE B 23 -9.72 -8.18 -8.59
CA PHE B 23 -8.39 -8.44 -9.16
C PHE B 23 -7.52 -9.10 -8.07
N THR B 24 -7.29 -10.41 -8.18
CA THR B 24 -6.62 -11.15 -7.11
C THR B 24 -5.12 -10.81 -6.91
N ARG B 25 -4.46 -10.29 -7.95
CA ARG B 25 -3.03 -9.87 -7.86
C ARG B 25 -2.89 -8.37 -7.56
N HIS B 26 -4.00 -7.65 -7.52
CA HIS B 26 -3.91 -6.19 -7.37
C HIS B 26 -3.15 -5.72 -6.11
N ALA B 27 -3.54 -6.23 -4.95
CA ALA B 27 -2.93 -5.85 -3.70
C ALA B 27 -1.41 -6.16 -3.66
N SER B 28 -1.01 -7.35 -4.10
CA SER B 28 0.42 -7.68 -4.19
C SER B 28 1.19 -6.80 -5.20
N ASP B 29 0.54 -6.45 -6.31
CA ASP B 29 1.17 -5.55 -7.28
C ASP B 29 1.33 -4.13 -6.71
N VAL B 30 0.38 -3.67 -5.90
CA VAL B 30 0.48 -2.34 -5.26
C VAL B 30 1.67 -2.38 -4.32
N LEU B 31 1.73 -3.45 -3.52
CA LEU B 31 2.80 -3.63 -2.56
C LEU B 31 4.16 -3.73 -3.25
N LEU B 32 4.27 -4.47 -4.36
CA LEU B 32 5.54 -4.53 -5.13
C LEU B 32 6.01 -3.09 -5.50
N ASN B 33 5.10 -2.32 -6.09
CA ASN B 33 5.40 -0.97 -6.50
C ASN B 33 5.71 0.01 -5.37
N LEU B 34 5.07 -0.18 -4.22
CA LEU B 34 5.40 0.58 -3.03
C LEU B 34 6.82 0.30 -2.56
N ASN B 35 7.24 -0.97 -2.64
CA ASN B 35 8.60 -1.35 -2.32
C ASN B 35 9.61 -0.80 -3.32
N ARG B 36 9.22 -0.73 -4.60
CA ARG B 36 10.07 -0.13 -5.62
C ARG B 36 10.19 1.38 -5.35
N LEU B 37 9.12 2.02 -4.91
CA LEU B 37 9.20 3.46 -4.49
C LEU B 37 10.18 3.61 -3.30
N ARG B 38 10.10 2.71 -2.32
CA ARG B 38 10.99 2.78 -1.17
C ARG B 38 12.44 2.64 -1.64
N SER B 39 12.70 1.64 -2.45
CA SER B 39 14.05 1.38 -2.98
C SER B 39 14.70 2.52 -3.77
N ARG B 40 13.88 3.27 -4.50
CA ARG B 40 14.31 4.45 -5.27
C ARG B 40 14.26 5.73 -4.44
N ASP B 41 13.77 5.62 -3.21
CA ASP B 41 13.65 6.72 -2.27
C ASP B 41 12.67 7.80 -2.79
N ILE B 42 11.53 7.36 -3.31
CA ILE B 42 10.55 8.26 -3.89
C ILE B 42 9.39 8.44 -2.91
N LEU B 43 9.18 9.69 -2.48
CA LEU B 43 8.15 10.10 -1.53
C LEU B 43 8.25 9.49 -0.14
N THR B 44 9.40 8.92 0.21
CA THR B 44 9.65 8.49 1.56
C THR B 44 9.62 9.74 2.42
N ASP B 45 8.91 9.66 3.54
CA ASP B 45 8.61 10.84 4.36
C ASP B 45 8.99 10.65 5.83
N VAL B 46 9.67 9.57 6.16
CA VAL B 46 10.18 9.44 7.51
C VAL B 46 11.43 8.60 7.54
N VAL B 47 12.29 8.89 8.51
CA VAL B 47 13.45 8.09 8.83
C VAL B 47 13.18 7.51 10.22
N ILE B 48 13.19 6.19 10.33
CA ILE B 48 13.12 5.52 11.62
C ILE B 48 14.55 5.23 12.08
N VAL B 49 14.85 5.61 13.33
CA VAL B 49 16.18 5.50 13.90
C VAL B 49 16.18 4.46 14.99
N VAL B 50 17.09 3.50 14.87
CA VAL B 50 17.31 2.47 15.90
C VAL B 50 18.80 2.47 16.20
N SER B 51 19.19 3.08 17.32
CA SER B 51 20.60 3.26 17.65
C SER B 51 21.14 4.36 16.70
N ARG B 52 22.23 4.08 15.98
CA ARG B 52 22.75 4.97 14.94
C ARG B 52 22.27 4.56 13.54
N GLU B 53 21.50 3.47 13.42
CA GLU B 53 21.02 2.96 12.14
C GLU B 53 19.70 3.63 11.72
N GLN B 54 19.65 4.08 10.47
CA GLN B 54 18.53 4.84 9.90
C GLN B 54 17.79 4.02 8.86
N PHE B 55 16.47 4.02 8.91
CA PHE B 55 15.62 3.31 7.94
C PHE B 55 14.57 4.24 7.30
N ARG B 56 14.64 4.36 5.98
CA ARG B 56 13.74 5.25 5.23
C ARG B 56 12.46 4.52 4.83
N ALA B 57 11.32 5.19 5.01
CA ALA B 57 10.03 4.56 4.77
C ALA B 57 8.92 5.57 4.46
N HIS B 58 7.75 5.04 4.16
CA HIS B 58 6.52 5.82 4.01
C HIS B 58 5.67 5.62 5.25
N LYS B 59 5.30 6.72 5.90
CA LYS B 59 4.41 6.71 7.09
C LYS B 59 3.14 5.85 6.95
N THR B 60 2.43 5.99 5.81
CA THR B 60 1.17 5.30 5.60
C THR B 60 1.34 3.78 5.61
N VAL B 61 2.43 3.28 5.03
CA VAL B 61 2.71 1.84 4.99
C VAL B 61 2.97 1.39 6.43
N LEU B 62 3.72 2.21 7.18
CA LEU B 62 4.00 1.89 8.57
C LEU B 62 2.74 1.85 9.41
N MET B 63 1.86 2.83 9.22
CA MET B 63 0.56 2.90 9.91
C MET B 63 -0.41 1.76 9.55
N ALA B 64 -0.27 1.23 8.34
CA ALA B 64 -1.13 0.14 7.84
C ALA B 64 -0.71 -1.25 8.34
N CYS B 65 0.52 -1.33 8.86
CA CYS B 65 1.11 -2.58 9.34
C CYS B 65 1.29 -2.64 10.84
N SER B 66 1.37 -1.49 11.52
CA SER B 66 1.80 -1.46 12.92
C SER B 66 0.93 -0.53 13.75
N GLY B 67 0.45 -1.04 14.88
CA GLY B 67 -0.26 -0.24 15.87
C GLY B 67 0.62 0.83 16.50
N LEU B 68 1.90 0.51 16.73
CA LEU B 68 2.81 1.48 17.27
C LEU B 68 2.89 2.68 16.33
N PHE B 69 3.25 2.42 15.08
CA PHE B 69 3.38 3.49 14.09
C PHE B 69 2.09 4.26 13.83
N TYR B 70 0.96 3.55 13.83
CA TYR B 70 -0.33 4.26 13.83
C TYR B 70 -0.46 5.34 14.92
N SER B 71 -0.17 4.96 16.18
CA SER B 71 -0.32 5.84 17.36
C SER B 71 0.60 7.02 17.24
N ILE B 72 1.83 6.76 16.78
CA ILE B 72 2.87 7.77 16.60
C ILE B 72 2.48 8.83 15.55
N PHE B 73 2.00 8.40 14.39
CA PHE B 73 1.72 9.33 13.31
C PHE B 73 0.31 9.91 13.33
N THR B 74 -0.54 9.49 14.28
CA THR B 74 -1.77 10.23 14.64
C THR B 74 -1.61 11.10 15.91
N ASP B 75 -0.42 11.12 16.51
CA ASP B 75 -0.11 11.95 17.68
C ASP B 75 0.35 13.30 17.15
N GLN B 76 -0.37 14.35 17.52
CA GLN B 76 -0.13 15.70 16.97
C GLN B 76 1.24 16.30 17.32
N LEU B 77 1.85 15.84 18.40
CA LEU B 77 3.22 16.23 18.71
C LEU B 77 4.25 15.62 17.74
N LYS B 78 3.93 14.47 17.16
CA LYS B 78 4.90 13.70 16.41
C LYS B 78 4.60 13.56 14.92
N CYS B 79 3.34 13.75 14.52
CA CYS B 79 2.92 13.39 13.17
C CYS B 79 3.71 14.07 12.07
N ASN B 80 4.15 15.30 12.30
CA ASN B 80 4.89 16.06 11.29
C ASN B 80 6.42 15.92 11.36
N LEU B 81 6.94 15.11 12.28
CA LEU B 81 8.38 14.87 12.38
C LEU B 81 8.89 13.98 11.24
N SER B 82 10.08 14.26 10.74
CA SER B 82 10.72 13.42 9.70
C SER B 82 11.68 12.37 10.26
N VAL B 83 11.95 12.43 11.57
CA VAL B 83 12.75 11.44 12.27
C VAL B 83 11.94 10.96 13.47
N ILE B 84 11.81 9.64 13.58
CA ILE B 84 11.21 8.98 14.74
C ILE B 84 12.30 8.10 15.35
N ASN B 85 12.52 8.24 16.66
CA ASN B 85 13.51 7.45 17.40
C ASN B 85 12.82 6.37 18.19
N LEU B 86 13.04 5.11 17.84
CA LEU B 86 12.50 4.01 18.63
C LEU B 86 13.47 3.70 19.77
N ASP B 87 13.09 2.76 20.65
CA ASP B 87 13.96 2.36 21.74
C ASP B 87 15.33 1.89 21.19
N PRO B 88 16.43 2.60 21.53
CA PRO B 88 17.74 2.15 21.06
C PRO B 88 18.17 0.78 21.55
N GLU B 89 17.49 0.19 22.54
CA GLU B 89 17.70 -1.22 22.89
C GLU B 89 17.17 -2.22 21.86
N ILE B 90 16.31 -1.79 20.94
CA ILE B 90 15.82 -2.67 19.85
C ILE B 90 16.94 -3.17 18.95
N ASN B 91 16.89 -4.46 18.61
CA ASN B 91 17.83 -5.02 17.67
C ASN B 91 17.58 -4.46 16.24
N PRO B 92 18.58 -3.77 15.64
CA PRO B 92 18.38 -3.20 14.27
C PRO B 92 18.13 -4.23 13.17
N GLU B 93 18.81 -5.37 13.22
CA GLU B 93 18.50 -6.52 12.32
C GLU B 93 17.04 -7.02 12.48
N GLY B 94 16.54 -7.04 13.71
CA GLY B 94 15.15 -7.40 13.99
C GLY B 94 14.21 -6.38 13.37
N PHE B 95 14.47 -5.09 13.59
CA PHE B 95 13.65 -4.08 12.95
C PHE B 95 13.73 -4.16 11.43
N CYS B 96 14.93 -4.33 10.89
CA CYS B 96 15.14 -4.44 9.44
C CYS B 96 14.38 -5.58 8.80
N ILE B 97 14.34 -6.72 9.50
CA ILE B 97 13.55 -7.86 9.03
C ILE B 97 12.07 -7.49 8.94
N LEU B 98 11.54 -6.86 10.00
CA LEU B 98 10.14 -6.48 10.02
C LEU B 98 9.77 -5.40 8.99
N LEU B 99 10.64 -4.41 8.79
CA LEU B 99 10.38 -3.38 7.76
C LEU B 99 10.36 -4.02 6.36
N ASP B 100 11.35 -4.87 6.06
CA ASP B 100 11.32 -5.64 4.80
C ASP B 100 10.01 -6.44 4.67
N PHE B 101 9.56 -7.06 5.77
CA PHE B 101 8.30 -7.80 5.78
C PHE B 101 7.06 -6.93 5.42
N MET B 102 6.99 -5.71 5.95
CA MET B 102 5.86 -4.83 5.72
C MET B 102 5.71 -4.52 4.24
N TYR B 103 6.84 -4.35 3.57
CA TYR B 103 6.89 -4.00 2.17
C TYR B 103 6.96 -5.21 1.23
N THR B 104 7.07 -6.44 1.75
CA THR B 104 7.26 -7.60 0.88
C THR B 104 6.34 -8.78 1.11
N SER B 105 5.75 -8.90 2.31
CA SER B 105 5.08 -10.12 2.79
C SER B 105 6.02 -11.25 3.21
N ARG B 106 7.32 -11.08 3.02
CA ARG B 106 8.28 -12.15 3.29
C ARG B 106 8.98 -11.92 4.63
N LEU B 107 8.90 -12.90 5.51
CA LEU B 107 9.52 -12.84 6.84
C LEU B 107 10.63 -13.89 6.87
N ASN B 108 11.87 -13.39 6.90
CA ASN B 108 13.06 -14.21 6.79
C ASN B 108 13.49 -14.51 8.22
N LEU B 109 13.22 -15.75 8.67
CA LEU B 109 13.49 -16.17 10.05
C LEU B 109 14.62 -17.18 10.12
N ARG B 110 15.48 -17.00 11.12
CA ARG B 110 16.66 -17.84 11.31
C ARG B 110 16.75 -18.21 12.78
N GLU B 111 17.51 -19.26 13.07
CA GLU B 111 17.79 -19.66 14.46
C GLU B 111 18.31 -18.45 15.22
N GLY B 112 19.32 -17.80 14.64
CA GLY B 112 19.99 -16.66 15.26
C GLY B 112 19.23 -15.36 15.40
N ASN B 113 18.29 -15.08 14.49
CA ASN B 113 17.54 -13.81 14.56
C ASN B 113 16.12 -13.90 15.15
N ILE B 114 15.59 -15.11 15.33
CA ILE B 114 14.15 -15.29 15.65
C ILE B 114 13.66 -14.62 16.93
N MET B 115 14.42 -14.73 18.02
CA MET B 115 14.03 -14.07 19.28
C MET B 115 13.99 -12.55 19.12
N ALA B 116 14.97 -12.01 18.42
CA ALA B 116 15.04 -10.59 18.20
C ALA B 116 13.81 -10.14 17.38
N VAL B 117 13.44 -10.91 16.36
CA VAL B 117 12.28 -10.56 15.51
C VAL B 117 10.97 -10.62 16.31
N MET B 118 10.81 -11.67 17.11
CA MET B 118 9.61 -11.84 17.96
C MET B 118 9.44 -10.66 18.90
N ALA B 119 10.51 -10.29 19.59
CA ALA B 119 10.50 -9.15 20.52
C ALA B 119 10.29 -7.83 19.81
N THR B 120 10.86 -7.67 18.62
CA THR B 120 10.62 -6.46 17.85
C THR B 120 9.16 -6.39 17.36
N ALA B 121 8.59 -7.54 17.00
CA ALA B 121 7.18 -7.58 16.57
C ALA B 121 6.21 -7.22 17.70
N MET B 122 6.52 -7.65 18.93
CA MET B 122 5.72 -7.26 20.10
C MET B 122 5.72 -5.74 20.27
N TYR B 123 6.91 -5.16 20.16
CA TYR B 123 7.11 -3.72 20.36
C TYR B 123 6.33 -2.94 19.32
N LEU B 124 6.34 -3.43 18.09
CA LEU B 124 5.59 -2.79 17.00
C LEU B 124 4.07 -3.10 17.00
N GLN B 125 3.60 -3.92 17.95
CA GLN B 125 2.20 -4.37 18.02
C GLN B 125 1.76 -5.05 16.73
N MET B 126 2.53 -6.05 16.32
CA MET B 126 2.23 -6.89 15.18
C MET B 126 2.10 -8.32 15.73
N GLU B 127 1.02 -8.55 16.47
CA GLU B 127 0.78 -9.78 17.20
C GLU B 127 0.77 -11.02 16.33
N HIS B 128 0.21 -10.91 15.12
CA HIS B 128 0.16 -12.05 14.18
C HIS B 128 1.55 -12.58 13.72
N VAL B 129 2.55 -11.70 13.73
CA VAL B 129 3.93 -12.06 13.35
C VAL B 129 4.59 -12.85 14.49
N VAL B 130 4.37 -12.37 15.71
CA VAL B 130 4.71 -13.10 16.94
C VAL B 130 4.14 -14.53 16.92
N ASP B 131 2.84 -14.64 16.67
CA ASP B 131 2.14 -15.93 16.57
C ASP B 131 2.76 -16.86 15.53
N THR B 132 3.13 -16.30 14.37
CA THR B 132 3.81 -17.06 13.33
C THR B 132 5.23 -17.52 13.77
N CYS B 133 5.96 -16.62 14.44
CA CYS B 133 7.22 -17.02 15.12
C CYS B 133 7.05 -18.14 16.16
N ARG B 134 5.94 -18.13 16.91
CA ARG B 134 5.64 -19.21 17.87
C ARG B 134 5.35 -20.53 17.18
N LYS B 135 4.70 -20.50 16.01
CA LYS B 135 4.41 -21.71 15.24
C LYS B 135 5.70 -22.24 14.61
N PHE B 136 6.53 -21.33 14.12
CA PHE B 136 7.87 -21.65 13.62
C PHE B 136 8.70 -22.41 14.64
N ILE B 137 8.74 -21.91 15.88
CA ILE B 137 9.43 -22.58 17.00
C ILE B 137 8.85 -23.98 17.27
N LYS B 138 7.52 -24.08 17.33
CA LYS B 138 6.83 -25.38 17.41
C LYS B 138 7.18 -26.35 16.26
N ALA B 139 7.55 -25.81 15.10
CA ALA B 139 7.87 -26.62 13.91
C ALA B 139 9.03 -27.55 14.15
N SER B 140 10.19 -27.00 14.51
CA SER B 140 11.37 -27.82 14.82
C SER B 140 11.20 -28.41 16.23
N LEU C 1 10.58 -21.78 0.32
CA LEU C 1 9.49 -20.83 0.64
C LEU C 1 8.29 -21.54 1.30
N TRP C 2 7.92 -21.10 2.51
CA TRP C 2 6.71 -21.58 3.17
C TRP C 2 5.68 -20.48 3.24
N TYR C 3 4.41 -20.84 2.98
CA TYR C 3 3.31 -19.86 2.98
C TYR C 3 2.38 -20.05 4.18
N THR C 4 1.94 -18.93 4.74
CA THR C 4 0.88 -18.87 5.73
C THR C 4 -0.19 -17.87 5.29
N ASP C 5 -1.44 -18.19 5.59
CA ASP C 5 -2.56 -17.31 5.27
C ASP C 5 -3.07 -16.57 6.52
N ILE C 6 -2.26 -16.50 7.57
CA ILE C 6 -2.69 -15.82 8.78
C ILE C 6 -3.10 -14.36 8.47
N ARG C 7 -4.16 -13.91 9.14
CA ARG C 7 -4.71 -12.55 8.92
C ARG C 7 -3.97 -11.57 9.81
N MET C 8 -3.72 -10.38 9.30
CA MET C 8 -3.11 -9.34 10.10
C MET C 8 -3.95 -9.06 11.36
N SER C 9 -3.30 -9.02 12.52
CA SER C 9 -3.95 -8.64 13.77
C SER C 9 -4.17 -7.10 13.86
N TRP C 10 -3.27 -6.29 13.30
CA TRP C 10 -3.47 -4.83 13.31
C TRP C 10 -4.59 -4.35 12.37
N ARG C 11 -5.58 -3.65 12.91
CA ARG C 11 -6.63 -3.02 12.10
C ARG C 11 -6.77 -1.53 12.44
N VAL C 12 -6.70 -0.69 11.41
CA VAL C 12 -6.87 0.76 11.56
C VAL C 12 -8.26 0.99 12.16
N PRO C 13 -8.39 1.77 13.24
CA PRO C 13 -9.73 1.95 13.81
C PRO C 13 -10.76 2.53 12.83
N LEU D 1 -19.71 -11.98 -7.64
CA LEU D 1 -18.27 -11.61 -7.56
C LEU D 1 -17.39 -12.49 -8.45
N TRP D 2 -16.90 -11.91 -9.54
CA TRP D 2 -15.98 -12.60 -10.45
C TRP D 2 -14.53 -12.19 -10.16
N TYR D 3 -13.62 -13.16 -10.22
CA TYR D 3 -12.21 -12.89 -10.01
C TYR D 3 -11.44 -12.96 -11.32
N THR D 4 -10.44 -12.07 -11.44
CA THR D 4 -9.41 -12.16 -12.47
C THR D 4 -8.02 -12.08 -11.86
N ASP D 5 -7.09 -12.89 -12.37
CA ASP D 5 -5.69 -12.86 -11.92
C ASP D 5 -4.72 -11.97 -12.75
N ILE D 6 -5.26 -11.11 -13.61
CA ILE D 6 -4.43 -10.29 -14.48
C ILE D 6 -3.45 -9.42 -13.68
N ARG D 7 -2.20 -9.36 -14.14
CA ARG D 7 -1.14 -8.61 -13.49
C ARG D 7 -1.26 -7.14 -13.84
N MET D 8 -0.92 -6.28 -12.89
CA MET D 8 -0.87 -4.85 -13.14
C MET D 8 0.18 -4.57 -14.19
N SER D 9 -0.20 -3.81 -15.22
CA SER D 9 0.68 -3.42 -16.31
C SER D 9 1.71 -2.35 -15.87
N TRP D 10 1.34 -1.46 -14.95
CA TRP D 10 2.24 -0.39 -14.47
C TRP D 10 3.31 -0.90 -13.47
N ARG D 11 4.57 -0.67 -13.80
CA ARG D 11 5.69 -1.01 -12.93
C ARG D 11 6.46 0.29 -12.68
N VAL D 12 6.73 0.62 -11.42
CA VAL D 12 7.49 1.86 -11.17
C VAL D 12 8.94 1.58 -11.65
N PRO D 13 9.54 2.53 -12.40
CA PRO D 13 10.90 2.39 -12.91
C PRO D 13 11.90 1.81 -11.90
S SO4 E . -15.97 -0.83 10.59
O1 SO4 E . -16.60 0.08 9.60
O2 SO4 E . -15.03 -0.07 11.43
O3 SO4 E . -15.26 -1.92 9.89
O4 SO4 E . -17.03 -1.43 11.43
S SO4 F . 14.67 -3.96 -12.17
O1 SO4 F . 15.22 -2.63 -12.52
O2 SO4 F . 14.33 -3.99 -10.73
O3 SO4 F . 15.66 -5.02 -12.44
O4 SO4 F . 13.44 -4.20 -12.96
#